data_9KM6
#
_entry.id   9KM6
#
_cell.length_a   147.020
_cell.length_b   147.020
_cell.length_c   128.870
_cell.angle_alpha   90.000
_cell.angle_beta   90.000
_cell.angle_gamma   90.000
#
_symmetry.space_group_name_H-M   'I 4 2 2'
#
loop_
_entity.id
_entity.type
_entity.pdbx_description
1 polymer 'Class I SAM-dependent methyltransferase'
2 non-polymer SINEFUNGIN
3 non-polymer 'CHLORIDE ION'
4 non-polymer GLYCEROL
5 water water
#
_entity_poly.entity_id   1
_entity_poly.type   'polypeptide(L)'
_entity_poly.pdbx_seq_one_letter_code
;MGSSHHHHHHSSGLVPRGSHMMTTDITEATGSTAVTEANGATTGITGPVPAGAAGAPGHEPLLGDPFGAVLRRCLDGGGT
RDLAFEVVERDDGFIIAQDAGIYFAPPGEWPPTEQWAVERARGRVLDVGCGAGRHGLALREAGLDVLGVDSSPGAAEVAR
ERGLDVLEARFTELPARLPDGAGPFDTFLLLGNGTGLLGTPAQARETLGALAEVAAPGAVILGDGLDVPVPPDRAAYERW
NAERGRPEGFVRIRLRDRLLVGEWFDYAMISPDDLGRVLAGTRWDLASVERAGVRYLATLRLRD
;
_entity_poly.pdbx_strand_id   A,B
#
# COMPACT_ATOMS: atom_id res chain seq x y z
N GLY A 47 -25.68 8.84 3.90
CA GLY A 47 -25.48 9.55 2.65
C GLY A 47 -24.03 9.56 2.20
N PRO A 48 -23.70 8.71 1.23
CA PRO A 48 -22.32 8.64 0.74
C PRO A 48 -21.98 9.81 -0.16
N VAL A 49 -20.72 10.23 -0.08
CA VAL A 49 -20.21 11.32 -0.92
C VAL A 49 -19.15 10.74 -1.85
N PRO A 50 -19.43 10.63 -3.15
CA PRO A 50 -18.40 10.10 -4.08
C PRO A 50 -17.15 10.97 -4.08
N ALA A 51 -16.00 10.32 -3.98
CA ALA A 51 -14.73 11.05 -3.92
C ALA A 51 -14.25 11.52 -5.29
N GLY A 52 -14.79 10.97 -6.37
CA GLY A 52 -14.32 11.33 -7.69
C GLY A 52 -13.00 10.65 -8.04
N ALA A 53 -12.70 10.62 -9.33
CA ALA A 53 -11.53 9.93 -9.83
C ALA A 53 -10.38 10.89 -10.06
N ALA A 54 -9.16 10.40 -9.81
CA ALA A 54 -7.97 11.16 -10.16
C ALA A 54 -7.63 10.95 -11.63
N GLY A 55 -6.86 11.88 -12.17
CA GLY A 55 -6.38 11.69 -13.52
C GLY A 55 -7.08 12.62 -14.51
N ALA A 56 -6.36 12.94 -15.58
CA ALA A 56 -6.86 13.78 -16.66
C ALA A 56 -6.09 13.43 -17.92
N PRO A 57 -6.63 13.76 -19.12
CA PRO A 57 -5.86 13.52 -20.35
C PRO A 57 -4.44 14.06 -20.27
N GLY A 58 -3.46 13.19 -20.53
CA GLY A 58 -2.06 13.54 -20.40
C GLY A 58 -1.49 13.44 -19.00
N HIS A 59 -2.34 13.21 -17.98
CA HIS A 59 -1.91 13.14 -16.58
C HIS A 59 -2.79 12.11 -15.87
N GLU A 60 -2.66 10.85 -16.27
CA GLU A 60 -3.50 9.78 -15.78
C GLU A 60 -2.71 8.49 -15.80
N PRO A 61 -3.13 7.49 -15.02
CA PRO A 61 -2.41 6.21 -15.00
C PRO A 61 -2.47 5.51 -16.36
N LEU A 62 -1.39 4.82 -16.68
CA LEU A 62 -1.22 4.16 -17.97
C LEU A 62 -1.03 2.67 -17.77
N LEU A 63 -1.47 1.89 -18.75
CA LEU A 63 -1.30 0.44 -18.70
C LEU A 63 0.18 0.09 -18.79
N GLY A 64 0.62 -0.79 -17.92
CA GLY A 64 2.02 -1.21 -17.89
C GLY A 64 2.20 -2.47 -17.06
N ASP A 65 3.36 -2.56 -16.41
CA ASP A 65 3.74 -3.73 -15.63
C ASP A 65 4.03 -3.32 -14.19
N PRO A 66 3.01 -2.90 -13.43
CA PRO A 66 3.28 -2.45 -12.06
C PRO A 66 3.82 -3.55 -11.16
N PHE A 67 3.39 -4.81 -11.35
CA PHE A 67 3.89 -5.87 -10.48
C PHE A 67 5.37 -6.12 -10.69
N GLY A 68 5.82 -6.14 -11.95
CA GLY A 68 7.24 -6.27 -12.21
C GLY A 68 8.05 -5.13 -11.63
N ALA A 69 7.55 -3.90 -11.76
CA ALA A 69 8.25 -2.75 -11.20
C ALA A 69 8.37 -2.86 -9.69
N VAL A 70 7.32 -3.34 -9.03
CA VAL A 70 7.34 -3.48 -7.58
C VAL A 70 8.33 -4.56 -7.16
N LEU A 71 8.34 -5.70 -7.86
CA LEU A 71 9.28 -6.76 -7.53
C LEU A 71 10.71 -6.31 -7.75
N ARG A 72 10.95 -5.54 -8.81
CA ARG A 72 12.30 -5.06 -9.10
C ARG A 72 12.78 -4.09 -8.02
N ARG A 73 11.94 -3.14 -7.62
CA ARG A 73 12.33 -2.23 -6.55
C ARG A 73 12.57 -2.99 -5.24
N CYS A 74 11.78 -4.03 -4.98
CA CYS A 74 11.97 -4.81 -3.77
C CYS A 74 13.32 -5.54 -3.80
N LEU A 75 13.62 -6.20 -4.91
CA LEU A 75 14.90 -6.91 -5.02
C LEU A 75 16.07 -5.95 -4.99
N ASP A 76 15.91 -4.75 -5.57
CA ASP A 76 16.98 -3.75 -5.53
C ASP A 76 17.42 -3.45 -4.12
N GLY A 77 16.48 -3.37 -3.18
CA GLY A 77 16.81 -3.07 -1.80
C GLY A 77 17.17 -4.26 -0.94
N GLY A 78 17.20 -5.46 -1.53
CA GLY A 78 17.56 -6.67 -0.81
C GLY A 78 16.47 -7.72 -0.74
N GLY A 79 15.24 -7.41 -1.14
CA GLY A 79 14.15 -8.36 -1.04
C GLY A 79 13.54 -8.49 0.33
N THR A 80 13.86 -7.59 1.26
CA THR A 80 13.34 -7.62 2.62
C THR A 80 12.05 -6.81 2.70
N ARG A 81 11.53 -6.65 3.91
CA ARG A 81 10.24 -6.00 4.11
C ARG A 81 10.35 -4.49 4.00
N ASP A 82 9.20 -3.85 3.78
CA ASP A 82 9.06 -2.39 3.78
C ASP A 82 9.99 -1.74 2.77
N LEU A 83 10.13 -2.35 1.61
CA LEU A 83 10.84 -1.76 0.47
C LEU A 83 9.90 -1.35 -0.65
N ALA A 84 8.95 -2.21 -0.99
CA ALA A 84 7.96 -1.91 -2.03
C ALA A 84 6.68 -2.65 -1.67
N PHE A 85 5.57 -2.19 -2.25
CA PHE A 85 4.26 -2.68 -1.84
C PHE A 85 3.38 -2.94 -3.06
N GLU A 86 2.69 -4.07 -3.03
CA GLU A 86 1.72 -4.41 -4.07
C GLU A 86 0.39 -3.75 -3.71
N VAL A 87 -0.07 -2.84 -4.56
CA VAL A 87 -1.34 -2.13 -4.35
C VAL A 87 -2.37 -2.69 -5.33
N VAL A 88 -3.50 -3.15 -4.79
CA VAL A 88 -4.56 -3.76 -5.58
C VAL A 88 -5.79 -2.86 -5.52
N GLU A 89 -6.40 -2.63 -6.69
CA GLU A 89 -7.62 -1.84 -6.79
C GLU A 89 -8.72 -2.68 -7.41
N ARG A 90 -9.86 -2.75 -6.73
CA ARG A 90 -11.04 -3.44 -7.27
C ARG A 90 -11.78 -2.51 -8.22
N ASP A 91 -12.68 -3.09 -9.02
CA ASP A 91 -13.33 -2.25 -10.02
C ASP A 91 -14.37 -1.31 -9.42
N ASP A 92 -14.64 -1.37 -8.12
CA ASP A 92 -15.41 -0.33 -7.45
C ASP A 92 -14.52 0.68 -6.73
N GLY A 93 -13.21 0.59 -6.91
CA GLY A 93 -12.28 1.47 -6.23
C GLY A 93 -11.78 0.99 -4.89
N PHE A 94 -12.14 -0.22 -4.48
CA PHE A 94 -11.64 -0.78 -3.23
C PHE A 94 -10.13 -0.96 -3.30
N ILE A 95 -9.42 -0.44 -2.29
CA ILE A 95 -7.96 -0.39 -2.29
C ILE A 95 -7.45 -1.26 -1.13
N ILE A 96 -6.47 -2.11 -1.43
CA ILE A 96 -5.78 -2.88 -0.40
C ILE A 96 -4.34 -3.11 -0.85
N ALA A 97 -3.42 -3.13 0.11
CA ALA A 97 -2.00 -3.27 -0.20
C ALA A 97 -1.37 -4.33 0.69
N GLN A 98 -0.21 -4.82 0.25
CA GLN A 98 0.58 -5.74 1.05
C GLN A 98 2.06 -5.59 0.68
N ASP A 99 2.91 -6.11 1.55
CA ASP A 99 4.35 -5.96 1.38
C ASP A 99 4.85 -6.91 0.31
N ALA A 100 5.55 -6.37 -0.69
CA ALA A 100 6.10 -7.20 -1.75
C ALA A 100 7.16 -8.18 -1.26
N GLY A 101 7.65 -8.01 -0.03
CA GLY A 101 8.65 -8.92 0.51
C GLY A 101 8.17 -10.36 0.65
N ILE A 102 6.85 -10.57 0.66
CA ILE A 102 6.33 -11.93 0.75
C ILE A 102 6.76 -12.76 -0.45
N TYR A 103 6.98 -12.12 -1.61
CA TYR A 103 7.36 -12.83 -2.81
C TYR A 103 8.82 -13.25 -2.83
N PHE A 104 9.61 -12.84 -1.84
CA PHE A 104 11.01 -13.20 -1.73
C PHE A 104 11.30 -14.02 -0.47
N ALA A 105 10.28 -14.34 0.32
CA ALA A 105 10.52 -15.00 1.59
C ALA A 105 11.01 -16.44 1.37
N PRO A 106 11.83 -16.94 2.30
CA PRO A 106 12.30 -18.34 2.20
C PRO A 106 11.20 -19.32 2.56
N PRO A 107 11.38 -20.60 2.27
CA PRO A 107 10.30 -21.57 2.52
C PRO A 107 9.85 -21.65 3.96
N GLY A 108 10.72 -21.32 4.92
CA GLY A 108 10.34 -21.40 6.31
C GLY A 108 9.26 -20.42 6.72
N GLU A 109 9.04 -19.37 5.93
CA GLU A 109 8.05 -18.35 6.24
C GLU A 109 6.75 -18.52 5.46
N TRP A 110 6.63 -19.56 4.64
CA TRP A 110 5.44 -19.76 3.83
C TRP A 110 4.31 -20.37 4.66
N PRO A 111 3.08 -20.25 4.20
CA PRO A 111 2.00 -21.02 4.81
C PRO A 111 2.30 -22.51 4.69
N PRO A 112 1.79 -23.32 5.61
CA PRO A 112 2.08 -24.76 5.57
C PRO A 112 1.66 -25.42 4.27
N THR A 113 0.56 -24.97 3.64
CA THR A 113 0.12 -25.58 2.39
C THR A 113 1.16 -25.42 1.30
N GLU A 114 1.82 -24.26 1.25
CA GLU A 114 2.87 -24.05 0.26
C GLU A 114 4.11 -24.88 0.57
N GLN A 115 4.46 -25.01 1.85
CA GLN A 115 5.61 -25.81 2.21
C GLN A 115 5.40 -27.28 1.86
N TRP A 116 4.20 -27.80 2.11
CA TRP A 116 3.90 -29.18 1.73
C TRP A 116 4.09 -29.40 0.24
N ALA A 117 3.60 -28.47 -0.58
CA ALA A 117 3.61 -28.67 -2.03
C ALA A 117 5.03 -28.77 -2.56
N VAL A 118 5.91 -27.86 -2.15
CA VAL A 118 7.29 -27.92 -2.62
C VAL A 118 8.04 -29.08 -2.00
N GLU A 119 7.58 -29.56 -0.84
CA GLU A 119 8.25 -30.67 -0.18
C GLU A 119 8.02 -31.98 -0.93
N ARG A 120 6.89 -32.12 -1.62
CA ARG A 120 6.52 -33.35 -2.28
C ARG A 120 6.61 -33.30 -3.80
N ALA A 121 7.08 -32.19 -4.37
CA ALA A 121 7.17 -32.08 -5.82
C ALA A 121 8.25 -33.01 -6.35
N ARG A 122 7.92 -33.72 -7.43
CA ARG A 122 8.86 -34.66 -8.06
C ARG A 122 8.92 -34.40 -9.55
N GLY A 123 9.96 -34.93 -10.19
CA GLY A 123 10.13 -34.88 -11.62
C GLY A 123 10.34 -33.46 -12.15
N ARG A 124 9.99 -33.29 -13.42
CA ARG A 124 10.09 -32.00 -14.07
C ARG A 124 8.95 -31.11 -13.61
N VAL A 125 9.28 -29.93 -13.10
CA VAL A 125 8.33 -29.04 -12.44
C VAL A 125 8.16 -27.78 -13.26
N LEU A 126 6.92 -27.32 -13.37
CA LEU A 126 6.60 -26.02 -13.95
C LEU A 126 5.96 -25.16 -12.87
N ASP A 127 6.60 -24.04 -12.55
CA ASP A 127 6.07 -23.08 -11.57
C ASP A 127 5.11 -22.15 -12.29
N VAL A 128 3.82 -22.45 -12.19
CA VAL A 128 2.80 -21.72 -12.93
C VAL A 128 2.51 -20.39 -12.24
N GLY A 129 2.81 -19.30 -12.93
CA GLY A 129 2.73 -17.98 -12.32
C GLY A 129 3.76 -17.84 -11.23
N CYS A 130 5.04 -17.86 -11.60
CA CYS A 130 6.10 -17.96 -10.61
C CYS A 130 6.35 -16.65 -9.87
N GLY A 131 5.98 -15.52 -10.47
CA GLY A 131 6.27 -14.24 -9.84
C GLY A 131 7.78 -14.05 -9.72
N ALA A 132 8.24 -13.78 -8.52
CA ALA A 132 9.67 -13.71 -8.25
C ALA A 132 10.31 -15.08 -8.13
N GLY A 133 9.54 -16.15 -8.26
CA GLY A 133 10.09 -17.50 -8.34
C GLY A 133 10.34 -18.19 -7.03
N ARG A 134 9.77 -17.72 -5.92
CA ARG A 134 10.14 -18.25 -4.61
C ARG A 134 9.88 -19.75 -4.49
N HIS A 135 8.83 -20.25 -5.17
CA HIS A 135 8.53 -21.67 -5.04
C HIS A 135 9.45 -22.52 -5.92
N GLY A 136 9.63 -22.12 -7.18
CA GLY A 136 10.51 -22.86 -8.08
C GLY A 136 11.96 -22.80 -7.64
N LEU A 137 12.37 -21.72 -6.98
CA LEU A 137 13.74 -21.62 -6.50
C LEU A 137 14.04 -22.64 -5.41
N ALA A 138 13.10 -22.84 -4.48
CA ALA A 138 13.31 -23.84 -3.45
C ALA A 138 13.51 -25.23 -4.03
N LEU A 139 12.83 -25.53 -5.14
CA LEU A 139 13.01 -26.82 -5.79
C LEU A 139 14.30 -26.88 -6.59
N ARG A 140 14.73 -25.74 -7.15
CA ARG A 140 16.00 -25.71 -7.86
C ARG A 140 17.17 -25.97 -6.92
N GLU A 141 17.10 -25.42 -5.70
CA GLU A 141 18.11 -25.74 -4.69
C GLU A 141 18.12 -27.23 -4.37
N ALA A 142 16.94 -27.85 -4.31
CA ALA A 142 16.84 -29.26 -3.97
C ALA A 142 17.32 -30.18 -5.08
N GLY A 143 17.60 -29.65 -6.27
CA GLY A 143 18.12 -30.45 -7.36
C GLY A 143 17.13 -30.82 -8.45
N LEU A 144 15.88 -30.36 -8.34
CA LEU A 144 14.88 -30.70 -9.35
C LEU A 144 15.05 -29.85 -10.60
N ASP A 145 14.48 -30.35 -11.70
CA ASP A 145 14.44 -29.62 -12.96
C ASP A 145 13.19 -28.76 -12.96
N VAL A 146 13.36 -27.45 -12.84
CA VAL A 146 12.26 -26.51 -12.63
C VAL A 146 12.28 -25.45 -13.73
N LEU A 147 11.10 -25.15 -14.26
CA LEU A 147 10.90 -24.02 -15.15
C LEU A 147 9.77 -23.18 -14.60
N GLY A 148 9.88 -21.86 -14.75
CA GLY A 148 8.79 -20.98 -14.36
C GLY A 148 8.13 -20.33 -15.56
N VAL A 149 6.87 -19.92 -15.41
CA VAL A 149 6.17 -19.20 -16.45
C VAL A 149 5.40 -18.04 -15.82
N ASP A 150 5.47 -16.87 -16.45
CA ASP A 150 4.83 -15.67 -15.92
C ASP A 150 4.72 -14.66 -17.05
N SER A 151 3.56 -13.99 -17.13
CA SER A 151 3.33 -13.02 -18.20
C SER A 151 3.86 -11.63 -17.86
N SER A 152 4.35 -11.42 -16.64
CA SER A 152 4.92 -10.13 -16.27
C SER A 152 6.38 -10.08 -16.67
N PRO A 153 6.79 -9.15 -17.55
CA PRO A 153 8.21 -9.12 -17.94
C PRO A 153 9.13 -8.76 -16.78
N GLY A 154 8.69 -7.87 -15.89
CA GLY A 154 9.51 -7.53 -14.74
C GLY A 154 9.63 -8.67 -13.75
N ALA A 155 8.55 -9.44 -13.56
CA ALA A 155 8.63 -10.59 -12.67
C ALA A 155 9.55 -11.66 -13.25
N ALA A 156 9.49 -11.87 -14.57
CA ALA A 156 10.35 -12.86 -15.21
C ALA A 156 11.82 -12.51 -15.00
N GLU A 157 12.20 -11.25 -15.23
CA GLU A 157 13.59 -10.85 -15.06
CA GLU A 157 13.59 -10.85 -15.06
C GLU A 157 14.05 -10.98 -13.61
N VAL A 158 13.17 -10.65 -12.66
CA VAL A 158 13.53 -10.77 -11.25
C VAL A 158 13.78 -12.23 -10.88
N ALA A 159 12.90 -13.13 -11.34
CA ALA A 159 13.06 -14.55 -11.01
C ALA A 159 14.31 -15.13 -11.65
N ARG A 160 14.62 -14.72 -12.88
CA ARG A 160 15.85 -15.17 -13.54
C ARG A 160 17.08 -14.71 -12.77
N GLU A 161 17.05 -13.48 -12.26
CA GLU A 161 18.17 -12.98 -11.47
C GLU A 161 18.39 -13.82 -10.23
N ARG A 162 17.31 -14.28 -9.59
CA ARG A 162 17.44 -15.12 -8.41
C ARG A 162 17.85 -16.55 -8.75
N GLY A 163 17.83 -16.93 -10.03
CA GLY A 163 18.36 -18.22 -10.44
C GLY A 163 17.34 -19.20 -11.01
N LEU A 164 16.21 -18.71 -11.49
CA LEU A 164 15.15 -19.57 -12.01
C LEU A 164 14.96 -19.31 -13.50
N ASP A 165 14.98 -20.37 -14.30
CA ASP A 165 14.61 -20.26 -15.71
C ASP A 165 13.13 -19.93 -15.81
N VAL A 166 12.80 -18.90 -16.58
CA VAL A 166 11.43 -18.42 -16.67
C VAL A 166 11.07 -18.22 -18.14
N LEU A 167 9.95 -18.80 -18.55
CA LEU A 167 9.36 -18.50 -19.86
C LEU A 167 8.34 -17.38 -19.69
N GLU A 168 8.57 -16.26 -20.37
CA GLU A 168 7.64 -15.13 -20.30
C GLU A 168 6.52 -15.36 -21.30
N ALA A 169 5.35 -15.76 -20.80
CA ALA A 169 4.20 -16.04 -21.66
C ALA A 169 2.96 -16.15 -20.77
N ARG A 170 1.81 -15.88 -21.39
CA ARG A 170 0.54 -16.20 -20.76
C ARG A 170 0.36 -17.71 -20.67
N PHE A 171 -0.42 -18.15 -19.68
CA PHE A 171 -0.65 -19.57 -19.49
C PHE A 171 -1.25 -20.20 -20.76
N THR A 172 -2.13 -19.46 -21.44
CA THR A 172 -2.75 -19.99 -22.64
C THR A 172 -1.78 -20.12 -23.81
N GLU A 173 -0.63 -19.48 -23.73
CA GLU A 173 0.40 -19.57 -24.76
C GLU A 173 1.50 -20.56 -24.41
N LEU A 174 1.34 -21.29 -23.30
CA LEU A 174 2.34 -22.27 -22.90
C LEU A 174 2.63 -23.31 -23.97
N PRO A 175 1.65 -24.00 -24.55
CA PRO A 175 1.99 -25.04 -25.52
C PRO A 175 2.63 -24.49 -26.78
N ALA A 176 2.28 -23.27 -27.19
CA ALA A 176 2.82 -22.71 -28.42
C ALA A 176 4.20 -22.10 -28.22
N ARG A 177 4.48 -21.58 -27.02
CA ARG A 177 5.75 -20.92 -26.75
C ARG A 177 6.74 -21.77 -25.96
N LEU A 178 6.34 -22.95 -25.50
CA LEU A 178 7.26 -23.81 -24.78
C LEU A 178 8.31 -24.34 -25.75
N PRO A 179 9.60 -24.07 -25.54
CA PRO A 179 10.61 -24.52 -26.50
C PRO A 179 10.87 -26.01 -26.38
N ASP A 180 11.48 -26.56 -27.42
CA ASP A 180 11.87 -27.96 -27.41
C ASP A 180 12.89 -28.20 -26.29
N GLY A 181 12.85 -29.41 -25.73
CA GLY A 181 13.68 -29.75 -24.61
C GLY A 181 13.10 -29.39 -23.26
N ALA A 182 12.11 -28.50 -23.23
CA ALA A 182 11.42 -28.14 -21.99
C ALA A 182 10.19 -29.02 -21.85
N GLY A 183 9.98 -29.58 -20.66
CA GLY A 183 8.87 -30.45 -20.41
C GLY A 183 9.03 -31.79 -21.12
N PRO A 184 7.96 -32.63 -21.08
CA PRO A 184 6.71 -32.38 -20.37
C PRO A 184 6.87 -32.47 -18.86
N PHE A 185 5.91 -31.94 -18.11
CA PHE A 185 6.08 -31.72 -16.68
C PHE A 185 5.32 -32.76 -15.88
N ASP A 186 5.97 -33.28 -14.84
CA ASP A 186 5.34 -34.22 -13.93
C ASP A 186 4.65 -33.52 -12.76
N THR A 187 5.00 -32.27 -12.48
CA THR A 187 4.43 -31.51 -11.37
C THR A 187 4.21 -30.07 -11.82
N PHE A 188 3.03 -29.54 -11.52
CA PHE A 188 2.69 -28.15 -11.78
C PHE A 188 2.47 -27.44 -10.44
N LEU A 189 3.18 -26.34 -10.23
CA LEU A 189 3.04 -25.55 -9.02
C LEU A 189 2.01 -24.44 -9.26
N LEU A 190 0.95 -24.44 -8.46
CA LEU A 190 -0.09 -23.42 -8.52
C LEU A 190 -0.29 -22.88 -7.10
N LEU A 191 0.71 -22.14 -6.61
CA LEU A 191 0.80 -21.78 -5.21
C LEU A 191 0.69 -20.28 -5.01
N GLY A 192 0.40 -19.90 -3.77
CA GLY A 192 0.11 -18.51 -3.46
C GLY A 192 -1.32 -18.16 -3.81
N ASN A 193 -2.26 -18.92 -3.25
CA ASN A 193 -3.66 -18.92 -3.69
C ASN A 193 -3.73 -19.12 -5.20
N GLY A 194 -3.04 -20.16 -5.68
CA GLY A 194 -3.02 -20.44 -7.10
C GLY A 194 -4.38 -20.79 -7.66
N THR A 195 -5.22 -21.48 -6.88
CA THR A 195 -6.55 -21.82 -7.36
C THR A 195 -7.37 -20.56 -7.62
N GLY A 196 -7.20 -19.53 -6.79
CA GLY A 196 -7.88 -18.27 -7.03
C GLY A 196 -7.32 -17.52 -8.22
N LEU A 197 -6.05 -17.75 -8.55
CA LEU A 197 -5.45 -17.09 -9.70
C LEU A 197 -6.05 -17.62 -11.00
N LEU A 198 -6.57 -18.85 -10.98
CA LEU A 198 -7.17 -19.43 -12.18
C LEU A 198 -8.31 -18.59 -12.73
N GLY A 199 -8.96 -17.77 -11.89
CA GLY A 199 -9.97 -16.86 -12.36
C GLY A 199 -11.35 -17.51 -12.42
N THR A 200 -12.21 -16.94 -13.26
CA THR A 200 -13.56 -17.45 -13.44
C THR A 200 -13.50 -18.85 -14.05
N PRO A 201 -14.60 -19.63 -13.94
CA PRO A 201 -14.58 -21.00 -14.48
C PRO A 201 -14.11 -21.11 -15.92
N ALA A 202 -14.55 -20.21 -16.80
CA ALA A 202 -14.11 -20.28 -18.20
C ALA A 202 -12.61 -20.02 -18.31
N GLN A 203 -12.10 -19.03 -17.56
CA GLN A 203 -10.67 -18.77 -17.56
C GLN A 203 -9.90 -19.95 -16.97
N ALA A 204 -10.41 -20.53 -15.88
CA ALA A 204 -9.72 -21.64 -15.23
C ALA A 204 -9.61 -22.85 -16.14
N ARG A 205 -10.69 -23.18 -16.85
CA ARG A 205 -10.66 -24.35 -17.73
C ARG A 205 -9.70 -24.15 -18.89
N GLU A 206 -9.61 -22.93 -19.42
CA GLU A 206 -8.66 -22.64 -20.48
C GLU A 206 -7.22 -22.85 -20.00
N THR A 207 -6.90 -22.34 -18.80
CA THR A 207 -5.56 -22.53 -18.25
C THR A 207 -5.29 -24.00 -17.96
N LEU A 208 -6.25 -24.70 -17.37
CA LEU A 208 -6.06 -26.11 -17.08
C LEU A 208 -5.85 -26.93 -18.35
N GLY A 209 -6.48 -26.51 -19.45
CA GLY A 209 -6.28 -27.22 -20.71
C GLY A 209 -4.88 -27.02 -21.26
N ALA A 210 -4.33 -25.81 -21.14
CA ALA A 210 -2.98 -25.55 -21.61
C ALA A 210 -1.96 -26.32 -20.77
N LEU A 211 -2.19 -26.45 -19.47
CA LEU A 211 -1.28 -27.21 -18.63
C LEU A 211 -1.29 -28.69 -19.01
N ALA A 212 -2.47 -29.24 -19.29
CA ALA A 212 -2.55 -30.65 -19.67
C ALA A 212 -1.85 -30.92 -20.98
N GLU A 213 -1.81 -29.94 -21.88
CA GLU A 213 -1.12 -30.11 -23.16
C GLU A 213 0.38 -30.32 -22.97
N VAL A 214 0.95 -29.81 -21.88
CA VAL A 214 2.38 -29.93 -21.62
C VAL A 214 2.65 -30.86 -20.44
N ALA A 215 1.66 -31.65 -20.04
CA ALA A 215 1.79 -32.53 -18.88
C ALA A 215 2.23 -33.92 -19.30
N ALA A 216 3.03 -34.55 -18.45
CA ALA A 216 3.45 -35.92 -18.66
C ALA A 216 2.40 -36.89 -18.13
N PRO A 217 2.43 -38.15 -18.56
CA PRO A 217 1.49 -39.13 -18.00
C PRO A 217 1.62 -39.22 -16.49
N GLY A 218 0.47 -39.16 -15.80
CA GLY A 218 0.46 -39.19 -14.36
C GLY A 218 0.86 -37.89 -13.69
N ALA A 219 0.85 -36.78 -14.41
CA ALA A 219 1.24 -35.49 -13.85
C ALA A 219 0.24 -35.06 -12.78
N VAL A 220 0.70 -34.18 -11.90
CA VAL A 220 -0.13 -33.65 -10.82
C VAL A 220 0.01 -32.14 -10.77
N ILE A 221 -1.07 -31.48 -10.34
CA ILE A 221 -1.07 -30.06 -10.03
C ILE A 221 -1.16 -29.93 -8.52
N LEU A 222 -0.21 -29.21 -7.93
CA LEU A 222 -0.24 -28.91 -6.50
C LEU A 222 -0.72 -27.47 -6.36
N GLY A 223 -2.01 -27.30 -6.11
CA GLY A 223 -2.61 -25.99 -6.01
C GLY A 223 -3.20 -25.70 -4.64
N ASP A 224 -2.83 -24.56 -4.06
CA ASP A 224 -3.35 -24.19 -2.76
C ASP A 224 -4.49 -23.19 -2.92
N GLY A 225 -5.28 -23.06 -1.86
CA GLY A 225 -6.39 -22.14 -1.88
C GLY A 225 -6.84 -21.77 -0.49
N LEU A 226 -7.95 -21.03 -0.42
CA LEU A 226 -8.52 -20.58 0.84
C LEU A 226 -10.00 -20.89 0.86
N ASP A 227 -10.46 -21.49 1.96
CA ASP A 227 -11.85 -21.91 2.14
C ASP A 227 -12.43 -21.08 3.27
N VAL A 228 -12.93 -19.90 2.93
CA VAL A 228 -13.41 -18.95 3.94
C VAL A 228 -14.84 -18.54 3.62
N PRO A 229 -15.66 -18.25 4.63
CA PRO A 229 -17.02 -17.76 4.37
C PRO A 229 -17.01 -16.31 3.92
N VAL A 230 -17.85 -16.01 2.94
CA VAL A 230 -17.99 -14.66 2.40
C VAL A 230 -18.48 -13.72 3.48
N PRO A 231 -17.75 -12.67 3.80
CA PRO A 231 -18.23 -11.70 4.80
C PRO A 231 -19.35 -10.85 4.24
N PRO A 232 -20.04 -10.09 5.09
CA PRO A 232 -21.12 -9.21 4.58
C PRO A 232 -20.63 -7.98 3.83
N ASP A 233 -19.33 -7.67 3.89
CA ASP A 233 -18.82 -6.53 3.14
C ASP A 233 -18.94 -6.76 1.64
N ARG A 234 -18.67 -7.98 1.18
CA ARG A 234 -18.81 -8.29 -0.24
C ARG A 234 -20.27 -8.40 -0.67
N ALA A 235 -21.23 -8.36 0.25
CA ALA A 235 -22.63 -8.48 -0.13
C ALA A 235 -23.01 -7.40 -1.13
N ALA A 236 -22.64 -6.15 -0.85
CA ALA A 236 -22.86 -5.08 -1.82
C ALA A 236 -22.15 -5.39 -3.13
N TYR A 237 -20.90 -5.84 -3.05
CA TYR A 237 -20.17 -6.18 -4.26
C TYR A 237 -20.76 -7.42 -4.93
N GLU A 238 -21.20 -8.39 -4.14
CA GLU A 238 -21.79 -9.60 -4.72
C GLU A 238 -23.10 -9.27 -5.44
N ARG A 239 -23.91 -8.38 -4.87
CA ARG A 239 -25.11 -7.94 -5.57
C ARG A 239 -24.76 -7.20 -6.85
N TRP A 240 -23.64 -6.47 -6.86
CA TRP A 240 -23.17 -5.83 -8.08
C TRP A 240 -22.80 -6.87 -9.14
N ASN A 241 -22.20 -7.98 -8.73
CA ASN A 241 -21.89 -9.05 -9.67
C ASN A 241 -23.16 -9.62 -10.29
N ALA A 242 -24.19 -9.85 -9.48
CA ALA A 242 -25.44 -10.39 -10.00
C ALA A 242 -26.09 -9.43 -10.99
N GLU A 243 -26.02 -8.12 -10.71
CA GLU A 243 -26.57 -7.13 -11.65
C GLU A 243 -25.88 -7.21 -13.00
N ARG A 244 -24.56 -7.42 -13.02
CA ARG A 244 -23.80 -7.44 -14.25
C ARG A 244 -23.68 -8.82 -14.86
N GLY A 245 -24.34 -9.83 -14.28
CA GLY A 245 -24.27 -11.17 -14.82
C GLY A 245 -22.94 -11.87 -14.63
N ARG A 246 -22.15 -11.45 -13.63
CA ARG A 246 -20.85 -12.04 -13.36
C ARG A 246 -20.98 -13.14 -12.31
N PRO A 247 -20.12 -14.15 -12.37
CA PRO A 247 -20.22 -15.28 -11.43
C PRO A 247 -19.97 -14.84 -10.00
N GLU A 248 -20.60 -15.56 -9.07
CA GLU A 248 -20.54 -15.23 -7.66
C GLU A 248 -19.18 -15.59 -7.07
N GLY A 249 -18.73 -14.76 -6.11
CA GLY A 249 -17.52 -15.03 -5.36
C GLY A 249 -16.27 -14.39 -5.91
N PHE A 250 -16.31 -13.84 -7.12
CA PHE A 250 -15.14 -13.29 -7.77
C PHE A 250 -15.13 -11.78 -7.67
N VAL A 251 -13.92 -11.21 -7.62
CA VAL A 251 -13.71 -9.78 -7.69
C VAL A 251 -12.89 -9.49 -8.94
N ARG A 252 -13.11 -8.31 -9.51
CA ARG A 252 -12.32 -7.84 -10.65
C ARG A 252 -11.35 -6.78 -10.13
N ILE A 253 -10.05 -7.07 -10.21
CA ILE A 253 -9.04 -6.25 -9.58
C ILE A 253 -7.93 -5.96 -10.60
N ARG A 254 -7.05 -5.05 -10.21
CA ARG A 254 -5.88 -4.68 -10.98
C ARG A 254 -4.85 -4.10 -10.02
N LEU A 255 -3.59 -4.10 -10.46
CA LEU A 255 -2.50 -3.58 -9.65
C LEU A 255 -2.19 -2.14 -10.04
N ARG A 256 -1.79 -1.34 -9.05
CA ARG A 256 -1.42 0.06 -9.22
C ARG A 256 -0.05 0.30 -8.62
N ASP A 257 0.80 1.03 -9.34
CA ASP A 257 2.09 1.46 -8.81
C ASP A 257 2.60 2.62 -9.64
N ARG A 258 2.95 3.72 -8.98
CA ARG A 258 3.38 4.95 -9.64
C ARG A 258 2.26 5.32 -10.63
N LEU A 259 2.58 5.60 -11.89
CA LEU A 259 1.55 5.89 -12.89
C LEU A 259 1.21 4.66 -13.73
N LEU A 260 1.62 3.47 -13.31
CA LEU A 260 1.39 2.24 -14.04
C LEU A 260 0.21 1.47 -13.47
N VAL A 261 -0.51 0.79 -14.36
CA VAL A 261 -1.68 -0.01 -13.99
C VAL A 261 -1.63 -1.30 -14.78
N GLY A 262 -2.00 -2.41 -14.14
CA GLY A 262 -2.16 -3.67 -14.84
C GLY A 262 -3.56 -3.80 -15.44
N GLU A 263 -3.72 -4.84 -16.26
CA GLU A 263 -5.03 -5.16 -16.80
C GLU A 263 -5.94 -5.70 -15.71
N TRP A 264 -7.24 -5.50 -15.89
CA TRP A 264 -8.22 -6.12 -15.00
C TRP A 264 -8.13 -7.63 -15.11
N PHE A 265 -8.18 -8.30 -13.96
CA PHE A 265 -8.25 -9.76 -13.94
C PHE A 265 -9.18 -10.18 -12.80
N ASP A 266 -9.73 -11.38 -12.93
CA ASP A 266 -10.69 -11.91 -11.97
C ASP A 266 -9.97 -12.75 -10.92
N TYR A 267 -10.44 -12.64 -9.68
CA TYR A 267 -9.75 -13.24 -8.54
C TYR A 267 -10.79 -13.66 -7.51
N ALA A 268 -10.47 -14.71 -6.75
CA ALA A 268 -11.39 -15.22 -5.76
C ALA A 268 -10.65 -16.13 -4.79
N MET A 269 -11.35 -16.52 -3.74
CA MET A 269 -10.92 -17.59 -2.85
C MET A 269 -11.89 -18.74 -3.08
N ILE A 270 -11.38 -19.83 -3.66
CA ILE A 270 -12.20 -20.94 -4.14
C ILE A 270 -12.19 -22.05 -3.11
N SER A 271 -13.38 -22.49 -2.71
CA SER A 271 -13.50 -23.64 -1.82
C SER A 271 -13.12 -24.92 -2.57
N PRO A 272 -12.68 -25.94 -1.85
CA PRO A 272 -12.37 -27.23 -2.51
C PRO A 272 -13.55 -27.80 -3.27
N ASP A 273 -14.78 -27.59 -2.81
CA ASP A 273 -15.94 -28.08 -3.54
C ASP A 273 -16.12 -27.35 -4.87
N ASP A 274 -15.98 -26.02 -4.86
CA ASP A 274 -16.08 -25.26 -6.10
C ASP A 274 -14.94 -25.60 -7.06
N LEU A 275 -13.76 -25.89 -6.52
CA LEU A 275 -12.67 -26.35 -7.37
C LEU A 275 -13.00 -27.69 -8.02
N GLY A 276 -13.60 -28.61 -7.27
CA GLY A 276 -14.02 -29.88 -7.85
C GLY A 276 -15.04 -29.70 -8.96
N ARG A 277 -15.90 -28.68 -8.83
CA ARG A 277 -16.91 -28.43 -9.85
C ARG A 277 -16.29 -27.89 -11.13
N VAL A 278 -15.28 -27.02 -11.02
CA VAL A 278 -14.68 -26.44 -12.22
C VAL A 278 -13.90 -27.49 -13.01
N LEU A 279 -13.54 -28.60 -12.38
CA LEU A 279 -12.81 -29.67 -13.04
C LEU A 279 -13.71 -30.64 -13.80
N ALA A 280 -15.02 -30.55 -13.63
CA ALA A 280 -15.94 -31.46 -14.31
C ALA A 280 -15.86 -31.26 -15.82
N GLY A 281 -15.48 -32.32 -16.53
CA GLY A 281 -15.31 -32.26 -17.97
C GLY A 281 -13.91 -31.90 -18.44
N THR A 282 -13.01 -31.53 -17.53
CA THR A 282 -11.63 -31.22 -17.89
C THR A 282 -10.79 -32.49 -17.83
N ARG A 283 -9.48 -32.35 -18.01
CA ARG A 283 -8.58 -33.48 -18.00
C ARG A 283 -7.97 -33.75 -16.62
N TRP A 284 -8.52 -33.15 -15.56
CA TRP A 284 -7.96 -33.27 -14.23
C TRP A 284 -9.02 -33.71 -13.24
N ASP A 285 -8.61 -34.55 -12.29
CA ASP A 285 -9.45 -34.98 -11.19
C ASP A 285 -8.92 -34.41 -9.89
N LEU A 286 -9.83 -34.05 -8.98
CA LEU A 286 -9.45 -33.61 -7.64
C LEU A 286 -9.14 -34.84 -6.81
N ALA A 287 -7.85 -35.13 -6.63
CA ALA A 287 -7.44 -36.37 -5.98
C ALA A 287 -7.56 -36.27 -4.46
N SER A 288 -7.02 -35.20 -3.87
CA SER A 288 -7.01 -35.06 -2.42
C SER A 288 -7.04 -33.59 -2.05
N VAL A 289 -7.49 -33.32 -0.83
CA VAL A 289 -7.54 -31.98 -0.26
C VAL A 289 -7.03 -32.04 1.16
N GLU A 290 -5.96 -31.30 1.45
CA GLU A 290 -5.35 -31.26 2.77
C GLU A 290 -5.47 -29.85 3.32
N ARG A 291 -6.14 -29.73 4.47
CA ARG A 291 -6.48 -28.43 5.03
C ARG A 291 -5.51 -28.04 6.15
N ALA A 292 -5.15 -26.76 6.16
CA ALA A 292 -4.35 -26.15 7.23
C ALA A 292 -5.13 -24.94 7.71
N GLY A 293 -6.10 -25.18 8.60
CA GLY A 293 -6.99 -24.13 9.03
C GLY A 293 -7.94 -23.74 7.91
N VAL A 294 -7.85 -22.49 7.46
CA VAL A 294 -8.66 -22.05 6.33
C VAL A 294 -7.95 -22.24 4.99
N ARG A 295 -6.64 -22.46 4.99
CA ARG A 295 -5.95 -22.78 3.75
C ARG A 295 -6.03 -24.27 3.48
N TYR A 296 -5.88 -24.63 2.20
CA TYR A 296 -5.87 -26.03 1.80
C TYR A 296 -4.90 -26.23 0.65
N LEU A 297 -4.42 -27.47 0.52
CA LEU A 297 -3.59 -27.88 -0.61
C LEU A 297 -4.34 -28.96 -1.37
N ALA A 298 -4.68 -28.67 -2.61
CA ALA A 298 -5.39 -29.62 -3.47
C ALA A 298 -4.41 -30.27 -4.42
N THR A 299 -4.50 -31.59 -4.57
CA THR A 299 -3.71 -32.35 -5.52
C THR A 299 -4.63 -32.73 -6.67
N LEU A 300 -4.36 -32.19 -7.85
CA LEU A 300 -5.11 -32.53 -9.06
C LEU A 300 -4.30 -33.52 -9.87
N ARG A 301 -4.94 -34.62 -10.28
CA ARG A 301 -4.28 -35.64 -11.06
C ARG A 301 -4.79 -35.63 -12.50
N LEU A 302 -3.86 -35.74 -13.44
CA LEU A 302 -4.22 -35.73 -14.85
C LEU A 302 -4.97 -37.00 -15.22
N ARG A 303 -6.15 -36.83 -15.83
CA ARG A 303 -6.88 -37.97 -16.38
C ARG A 303 -6.24 -38.52 -17.64
N ASP A 304 -5.14 -37.92 -18.09
CA ASP A 304 -4.47 -38.25 -19.35
C ASP A 304 -5.35 -37.87 -20.55
N GLY B 47 1.65 4.61 -28.72
CA GLY B 47 1.66 5.35 -27.47
C GLY B 47 1.11 4.56 -26.29
N PRO B 48 1.25 5.12 -25.09
CA PRO B 48 0.74 4.41 -23.90
C PRO B 48 -0.78 4.50 -23.82
N VAL B 49 -1.38 3.41 -23.35
CA VAL B 49 -2.83 3.28 -23.29
C VAL B 49 -3.28 3.68 -21.88
N PRO B 50 -4.14 4.69 -21.74
CA PRO B 50 -4.68 5.01 -20.41
C PRO B 50 -5.49 3.84 -19.85
N ALA B 51 -5.40 3.65 -18.53
CA ALA B 51 -6.04 2.51 -17.91
C ALA B 51 -7.53 2.72 -17.70
N GLY B 52 -7.98 3.96 -17.54
CA GLY B 52 -9.36 4.23 -17.23
C GLY B 52 -9.68 4.04 -15.76
N ALA B 53 -10.53 4.92 -15.22
CA ALA B 53 -10.84 4.88 -13.80
C ALA B 53 -11.86 3.79 -13.48
N ALA B 54 -11.90 3.42 -12.21
CA ALA B 54 -12.88 2.48 -11.70
C ALA B 54 -14.06 3.23 -11.08
N GLY B 55 -15.10 2.48 -10.74
CA GLY B 55 -16.18 3.09 -9.97
C GLY B 55 -17.45 3.25 -10.79
N ALA B 56 -18.58 3.19 -10.09
CA ALA B 56 -19.90 3.41 -10.65
C ALA B 56 -20.83 3.87 -9.53
N PRO B 57 -21.97 4.47 -9.87
CA PRO B 57 -22.92 4.86 -8.82
C PRO B 57 -23.25 3.70 -7.90
N GLY B 58 -23.14 3.93 -6.59
CA GLY B 58 -23.32 2.90 -5.60
C GLY B 58 -22.15 1.93 -5.45
N HIS B 59 -21.14 2.02 -6.32
CA HIS B 59 -19.98 1.13 -6.28
C HIS B 59 -18.75 1.94 -6.70
N GLU B 60 -18.36 2.89 -5.84
CA GLU B 60 -17.29 3.81 -6.16
C GLU B 60 -16.65 4.29 -4.86
N PRO B 61 -15.42 4.79 -4.92
CA PRO B 61 -14.77 5.28 -3.70
C PRO B 61 -15.54 6.45 -3.10
N LEU B 62 -15.63 6.46 -1.77
CA LEU B 62 -16.39 7.46 -1.03
C LEU B 62 -15.48 8.23 -0.09
N LEU B 63 -15.81 9.50 0.13
CA LEU B 63 -15.10 10.31 1.11
C LEU B 63 -15.31 9.74 2.51
N GLY B 64 -14.23 9.64 3.26
CA GLY B 64 -14.28 9.09 4.60
C GLY B 64 -13.00 9.39 5.34
N ASP B 65 -12.65 8.50 6.27
CA ASP B 65 -11.48 8.64 7.13
C ASP B 65 -10.57 7.43 6.94
N PRO B 66 -9.92 7.32 5.78
CA PRO B 66 -9.05 6.16 5.55
C PRO B 66 -7.84 6.13 6.47
N PHE B 67 -7.30 7.29 6.84
CA PHE B 67 -6.14 7.30 7.72
C PHE B 67 -6.50 6.72 9.09
N GLY B 68 -7.67 7.09 9.62
CA GLY B 68 -8.11 6.50 10.88
C GLY B 68 -8.32 4.99 10.76
N ALA B 69 -8.90 4.54 9.66
CA ALA B 69 -9.11 3.10 9.48
C ALA B 69 -7.78 2.36 9.42
N VAL B 70 -6.80 2.92 8.72
CA VAL B 70 -5.49 2.30 8.62
C VAL B 70 -4.81 2.23 9.97
N LEU B 71 -4.80 3.34 10.71
CA LEU B 71 -4.18 3.35 12.04
C LEU B 71 -4.90 2.42 13.00
N ARG B 72 -6.23 2.36 12.90
CA ARG B 72 -6.99 1.44 13.74
C ARG B 72 -6.60 -0.01 13.46
N ARG B 73 -6.52 -0.37 12.18
CA ARG B 73 -6.16 -1.73 11.81
C ARG B 73 -4.76 -2.08 12.28
N CYS B 74 -3.85 -1.09 12.25
CA CYS B 74 -2.49 -1.33 12.71
C CYS B 74 -2.42 -1.51 14.22
N LEU B 75 -3.14 -0.68 14.98
CA LEU B 75 -3.15 -0.83 16.44
C LEU B 75 -3.79 -2.15 16.85
N ASP B 76 -4.90 -2.53 16.21
CA ASP B 76 -5.59 -3.75 16.60
C ASP B 76 -4.71 -4.98 16.41
N GLY B 77 -3.75 -4.92 15.48
CA GLY B 77 -2.82 -6.02 15.30
C GLY B 77 -1.60 -5.97 16.18
N GLY B 78 -1.41 -4.91 16.95
CA GLY B 78 -0.28 -4.78 17.84
C GLY B 78 0.64 -3.62 17.53
N GLY B 79 0.34 -2.78 16.54
CA GLY B 79 1.19 -1.65 16.23
C GLY B 79 2.51 -1.99 15.57
N THR B 80 2.67 -3.21 15.05
CA THR B 80 3.90 -3.61 14.40
C THR B 80 3.82 -3.34 12.90
N ARG B 81 4.88 -3.69 12.18
CA ARG B 81 4.92 -3.47 10.75
C ARG B 81 4.29 -4.67 10.01
N ASP B 82 3.96 -4.44 8.74
CA ASP B 82 3.31 -5.43 7.88
C ASP B 82 1.93 -5.81 8.42
N LEU B 83 1.23 -4.86 9.05
CA LEU B 83 -0.16 -5.04 9.45
C LEU B 83 -1.11 -4.21 8.61
N ALA B 84 -0.81 -2.93 8.40
CA ALA B 84 -1.61 -2.05 7.59
C ALA B 84 -0.69 -1.12 6.82
N PHE B 85 -1.22 -0.56 5.73
CA PHE B 85 -0.41 0.23 4.81
C PHE B 85 -1.15 1.49 4.42
N GLU B 86 -0.43 2.61 4.43
CA GLU B 86 -0.98 3.90 3.99
C GLU B 86 -0.74 4.04 2.50
N VAL B 87 -1.83 4.12 1.73
CA VAL B 87 -1.77 4.28 0.28
C VAL B 87 -2.14 5.72 -0.06
N VAL B 88 -1.28 6.38 -0.82
CA VAL B 88 -1.44 7.78 -1.19
C VAL B 88 -1.60 7.87 -2.70
N GLU B 89 -2.60 8.62 -3.15
CA GLU B 89 -2.86 8.81 -4.57
C GLU B 89 -2.73 10.29 -4.90
N ARG B 90 -1.86 10.62 -5.84
CA ARG B 90 -1.76 11.97 -6.36
C ARG B 90 -2.89 12.21 -7.35
N ASP B 91 -3.15 13.50 -7.64
CA ASP B 91 -4.32 13.81 -8.46
C ASP B 91 -4.12 13.50 -9.94
N ASP B 92 -2.97 12.98 -10.34
CA ASP B 92 -2.82 12.38 -11.66
C ASP B 92 -2.91 10.86 -11.61
N GLY B 93 -3.17 10.29 -10.43
CA GLY B 93 -3.25 8.85 -10.27
C GLY B 93 -1.97 8.17 -9.83
N PHE B 94 -0.91 8.95 -9.55
CA PHE B 94 0.34 8.36 -9.09
C PHE B 94 0.14 7.72 -7.72
N ILE B 95 0.52 6.44 -7.60
CA ILE B 95 0.26 5.65 -6.40
C ILE B 95 1.57 5.32 -5.70
N ILE B 96 1.63 5.61 -4.40
CA ILE B 96 2.70 5.14 -3.52
C ILE B 96 2.08 4.60 -2.26
N ALA B 97 2.87 3.81 -1.53
CA ALA B 97 2.40 3.22 -0.28
C ALA B 97 3.56 3.12 0.69
N GLN B 98 3.23 3.04 1.98
CA GLN B 98 4.22 2.81 3.02
C GLN B 98 3.57 2.07 4.18
N ASP B 99 4.41 1.46 5.01
CA ASP B 99 3.92 0.70 6.15
C ASP B 99 3.40 1.65 7.23
N ALA B 100 2.18 1.40 7.71
CA ALA B 100 1.59 2.22 8.76
C ALA B 100 2.28 2.06 10.10
N GLY B 101 3.14 1.05 10.26
CA GLY B 101 3.89 0.87 11.48
C GLY B 101 4.80 2.03 11.84
N ILE B 102 5.11 2.90 10.86
CA ILE B 102 5.95 4.06 11.15
C ILE B 102 5.32 4.97 12.18
N TYR B 103 3.99 5.02 12.22
CA TYR B 103 3.28 5.88 13.17
C TYR B 103 3.25 5.29 14.57
N PHE B 104 3.74 4.07 14.75
CA PHE B 104 3.86 3.43 16.06
C PHE B 104 5.30 3.11 16.41
N ALA B 105 6.27 3.77 15.74
CA ALA B 105 7.67 3.43 15.88
C ALA B 105 8.27 4.03 17.15
N PRO B 106 9.26 3.36 17.74
CA PRO B 106 9.93 3.91 18.92
C PRO B 106 10.71 5.16 18.56
N PRO B 107 11.05 5.99 19.55
CA PRO B 107 11.81 7.21 19.25
C PRO B 107 13.13 6.95 18.54
N GLY B 108 13.76 5.79 18.76
CA GLY B 108 15.04 5.54 18.12
C GLY B 108 14.93 5.37 16.63
N GLU B 109 13.76 5.00 16.14
CA GLU B 109 13.54 4.81 14.71
C GLU B 109 13.10 6.08 14.01
N TRP B 110 12.76 7.13 14.75
CA TRP B 110 12.34 8.37 14.11
C TRP B 110 13.51 9.01 13.37
N PRO B 111 13.23 9.83 12.37
CA PRO B 111 14.29 10.65 11.78
C PRO B 111 14.92 11.53 12.83
N PRO B 112 16.23 11.80 12.71
CA PRO B 112 16.90 12.58 13.77
C PRO B 112 16.27 13.93 14.04
N THR B 113 15.68 14.57 13.03
CA THR B 113 15.04 15.86 13.24
C THR B 113 13.87 15.75 14.20
N GLU B 114 13.12 14.65 14.12
CA GLU B 114 12.02 14.44 15.06
C GLU B 114 12.54 14.15 16.46
N GLN B 115 13.63 13.39 16.57
CA GLN B 115 14.20 13.12 17.88
C GLN B 115 14.69 14.41 18.54
N TRP B 116 15.35 15.28 17.77
CA TRP B 116 15.84 16.54 18.32
C TRP B 116 14.69 17.39 18.86
N ALA B 117 13.58 17.47 18.12
CA ALA B 117 12.46 18.29 18.54
C ALA B 117 11.83 17.75 19.81
N VAL B 118 11.67 16.43 19.91
CA VAL B 118 11.08 15.84 21.11
C VAL B 118 12.01 16.00 22.30
N GLU B 119 13.31 15.86 22.09
CA GLU B 119 14.27 15.97 23.19
C GLU B 119 14.24 17.36 23.82
N ARG B 120 13.99 18.41 23.03
CA ARG B 120 14.07 19.77 23.51
C ARG B 120 12.70 20.41 23.74
N ALA B 121 11.62 19.63 23.64
CA ALA B 121 10.31 20.15 23.95
C ALA B 121 10.20 20.45 25.45
N ARG B 122 9.48 21.52 25.78
CA ARG B 122 9.35 21.95 27.16
C ARG B 122 8.04 22.71 27.34
N GLY B 123 7.59 22.77 28.59
CA GLY B 123 6.36 23.47 28.92
C GLY B 123 5.11 22.74 28.48
N ARG B 124 4.06 23.51 28.28
CA ARG B 124 2.80 22.99 27.75
C ARG B 124 2.95 22.75 26.25
N VAL B 125 2.75 21.51 25.84
CA VAL B 125 3.05 21.07 24.48
C VAL B 125 1.75 20.75 23.75
N LEU B 126 1.66 21.18 22.49
CA LEU B 126 0.58 20.83 21.59
C LEU B 126 1.17 20.06 20.41
N ASP B 127 0.76 18.80 20.26
CA ASP B 127 1.21 17.95 19.16
C ASP B 127 0.29 18.22 17.98
N VAL B 128 0.73 19.10 17.08
CA VAL B 128 -0.11 19.58 15.97
C VAL B 128 -0.13 18.53 14.87
N GLY B 129 -1.32 17.97 14.62
CA GLY B 129 -1.44 16.87 13.67
C GLY B 129 -0.78 15.61 14.20
N CYS B 130 -1.24 15.13 15.35
CA CYS B 130 -0.51 14.10 16.09
C CYS B 130 -0.63 12.73 15.45
N GLY B 131 -1.62 12.49 14.59
CA GLY B 131 -1.79 11.17 14.04
C GLY B 131 -2.04 10.17 15.15
N ALA B 132 -1.25 9.08 15.14
CA ALA B 132 -1.34 8.07 16.18
C ALA B 132 -0.67 8.50 17.48
N GLY B 133 -0.07 9.69 17.52
CA GLY B 133 0.42 10.26 18.75
C GLY B 133 1.78 9.80 19.22
N ARG B 134 2.63 9.29 18.32
CA ARG B 134 3.93 8.77 18.76
C ARG B 134 4.79 9.84 19.41
N HIS B 135 4.69 11.09 18.95
CA HIS B 135 5.54 12.15 19.50
C HIS B 135 5.01 12.63 20.85
N GLY B 136 3.72 12.95 20.93
CA GLY B 136 3.14 13.37 22.19
C GLY B 136 3.19 12.30 23.26
N LEU B 137 3.09 11.03 22.86
CA LEU B 137 3.19 9.94 23.83
C LEU B 137 4.54 9.92 24.52
N ALA B 138 5.62 10.06 23.74
CA ALA B 138 6.96 10.07 24.31
C ALA B 138 7.14 11.23 25.27
N LEU B 139 6.55 12.38 24.95
CA LEU B 139 6.65 13.54 25.84
C LEU B 139 5.85 13.33 27.12
N ARG B 140 4.70 12.64 27.04
CA ARG B 140 3.95 12.37 28.26
C ARG B 140 4.66 11.31 29.11
N GLU B 141 5.34 10.36 28.47
CA GLU B 141 6.18 9.42 29.21
C GLU B 141 7.30 10.15 29.94
N ALA B 142 7.86 11.19 29.31
CA ALA B 142 8.92 11.98 29.91
C ALA B 142 8.42 12.92 31.01
N GLY B 143 7.11 13.08 31.15
CA GLY B 143 6.54 13.87 32.23
C GLY B 143 5.91 15.19 31.83
N LEU B 144 5.91 15.53 30.54
CA LEU B 144 5.41 16.83 30.12
C LEU B 144 3.88 16.82 30.03
N ASP B 145 3.31 18.02 30.08
CA ASP B 145 1.88 18.23 29.87
C ASP B 145 1.66 18.36 28.36
N VAL B 146 1.06 17.34 27.76
CA VAL B 146 0.95 17.25 26.30
C VAL B 146 -0.51 17.11 25.91
N LEU B 147 -0.90 17.81 24.84
CA LEU B 147 -2.19 17.65 24.20
C LEU B 147 -1.99 17.52 22.71
N GLY B 148 -2.65 16.56 22.08
CA GLY B 148 -2.61 16.40 20.65
C GLY B 148 -3.84 17.01 19.98
N VAL B 149 -3.70 17.31 18.70
CA VAL B 149 -4.81 17.79 17.88
C VAL B 149 -4.71 17.15 16.51
N ASP B 150 -5.85 16.72 15.97
CA ASP B 150 -5.90 16.06 14.67
C ASP B 150 -7.35 16.07 14.20
N SER B 151 -7.52 16.20 12.88
CA SER B 151 -8.87 16.26 12.31
C SER B 151 -9.42 14.89 11.95
N SER B 152 -8.61 13.85 11.97
CA SER B 152 -9.10 12.51 11.70
C SER B 152 -9.73 11.91 12.96
N PRO B 153 -11.01 11.53 12.93
CA PRO B 153 -11.62 10.96 14.14
C PRO B 153 -11.00 9.63 14.52
N GLY B 154 -10.67 8.80 13.54
CA GLY B 154 -10.04 7.52 13.85
C GLY B 154 -8.62 7.68 14.37
N ALA B 155 -7.87 8.63 13.82
CA ALA B 155 -6.53 8.89 14.35
C ALA B 155 -6.60 9.39 15.78
N ALA B 156 -7.52 10.33 16.05
CA ALA B 156 -7.71 10.81 17.42
C ALA B 156 -8.06 9.66 18.35
N GLU B 157 -8.95 8.76 17.91
CA GLU B 157 -9.36 7.64 18.76
C GLU B 157 -8.19 6.68 19.00
N VAL B 158 -7.35 6.46 17.99
CA VAL B 158 -6.18 5.60 18.16
C VAL B 158 -5.21 6.22 19.16
N ALA B 159 -4.89 7.50 18.99
CA ALA B 159 -3.94 8.16 19.88
C ALA B 159 -4.46 8.18 21.32
N ARG B 160 -5.78 8.40 21.51
CA ARG B 160 -6.33 8.33 22.85
C ARG B 160 -6.17 6.95 23.47
N GLU B 161 -6.45 5.90 22.70
CA GLU B 161 -6.29 4.55 23.22
C GLU B 161 -4.85 4.24 23.57
N ARG B 162 -3.90 4.87 22.88
CA ARG B 162 -2.49 4.68 23.20
C ARG B 162 -2.07 5.46 24.44
N GLY B 163 -2.83 6.46 24.85
CA GLY B 163 -2.56 7.15 26.10
C GLY B 163 -2.31 8.64 25.97
N LEU B 164 -2.72 9.25 24.86
CA LEU B 164 -2.53 10.67 24.63
C LEU B 164 -3.87 11.37 24.52
N ASP B 165 -4.02 12.49 25.25
CA ASP B 165 -5.21 13.31 25.11
CA ASP B 165 -5.21 13.32 25.11
C ASP B 165 -5.17 14.03 23.76
N VAL B 166 -6.27 13.93 23.01
CA VAL B 166 -6.35 14.51 21.67
C VAL B 166 -7.63 15.31 21.52
N LEU B 167 -7.50 16.53 21.01
CA LEU B 167 -8.63 17.35 20.60
C LEU B 167 -8.89 17.10 19.12
N GLU B 168 -10.11 16.66 18.79
CA GLU B 168 -10.49 16.46 17.40
C GLU B 168 -10.89 17.80 16.80
N ALA B 169 -10.04 18.35 15.95
CA ALA B 169 -10.30 19.66 15.35
C ALA B 169 -9.34 19.88 14.18
N ARG B 170 -9.78 20.71 13.24
CA ARG B 170 -8.88 21.25 12.24
C ARG B 170 -8.06 22.38 12.85
N PHE B 171 -6.86 22.60 12.29
CA PHE B 171 -5.92 23.55 12.90
C PHE B 171 -6.55 24.93 13.06
N THR B 172 -7.27 25.40 12.05
CA THR B 172 -7.91 26.70 12.13
C THR B 172 -9.06 26.74 13.13
N GLU B 173 -9.53 25.59 13.60
CA GLU B 173 -10.57 25.53 14.62
C GLU B 173 -10.00 25.47 16.02
N LEU B 174 -8.67 25.46 16.16
CA LEU B 174 -8.06 25.34 17.48
C LEU B 174 -8.49 26.43 18.45
N PRO B 175 -8.49 27.71 18.09
CA PRO B 175 -8.93 28.72 19.07
C PRO B 175 -10.35 28.53 19.56
N ALA B 176 -11.26 28.14 18.67
CA ALA B 176 -12.66 27.98 19.05
C ALA B 176 -12.90 26.70 19.84
N ARG B 177 -12.20 25.63 19.50
CA ARG B 177 -12.47 24.33 20.10
C ARG B 177 -11.57 24.00 21.29
N LEU B 178 -10.55 24.79 21.54
CA LEU B 178 -9.66 24.53 22.68
C LEU B 178 -10.44 24.71 23.98
N PRO B 179 -10.55 23.68 24.81
CA PRO B 179 -11.27 23.84 26.08
C PRO B 179 -10.57 24.81 27.01
N ASP B 180 -11.32 25.25 28.02
CA ASP B 180 -10.83 26.28 28.95
C ASP B 180 -9.55 25.83 29.65
N GLY B 181 -9.54 24.60 30.14
CA GLY B 181 -8.44 24.08 30.92
C GLY B 181 -7.19 23.69 30.16
N ALA B 182 -7.14 23.95 28.85
CA ALA B 182 -5.99 23.59 28.04
C ALA B 182 -5.29 24.85 27.54
N GLY B 183 -3.97 24.73 27.36
CA GLY B 183 -3.17 25.85 26.91
C GLY B 183 -3.01 26.91 27.98
N PRO B 184 -2.33 28.03 27.66
CA PRO B 184 -1.62 28.27 26.39
C PRO B 184 -0.36 27.41 26.28
N PHE B 185 0.16 27.25 25.07
CA PHE B 185 1.20 26.27 24.79
C PHE B 185 2.54 26.95 24.58
N ASP B 186 3.58 26.37 25.19
CA ASP B 186 4.94 26.85 25.05
C ASP B 186 5.66 26.21 23.87
N THR B 187 5.30 24.98 23.52
CA THR B 187 5.95 24.25 22.44
C THR B 187 4.90 23.67 21.51
N PHE B 188 5.04 23.93 20.22
CA PHE B 188 4.19 23.34 19.19
C PHE B 188 5.04 22.35 18.41
N LEU B 189 4.60 21.09 18.36
CA LEU B 189 5.25 20.08 17.54
C LEU B 189 4.61 20.07 16.16
N LEU B 190 5.42 20.27 15.14
CA LEU B 190 4.98 20.22 13.75
C LEU B 190 5.91 19.24 13.01
N LEU B 191 5.76 17.95 13.32
CA LEU B 191 6.71 16.92 12.92
C LEU B 191 6.10 16.02 11.86
N GLY B 192 6.96 15.20 11.25
CA GLY B 192 6.56 14.38 10.13
C GLY B 192 6.42 15.21 8.88
N ASN B 193 7.47 15.97 8.55
CA ASN B 193 7.42 17.00 7.52
C ASN B 193 6.28 17.97 7.79
N GLY B 194 6.25 18.50 9.02
CA GLY B 194 5.15 19.36 9.42
C GLY B 194 5.07 20.64 8.62
N THR B 195 6.23 21.17 8.21
CA THR B 195 6.23 22.38 7.40
C THR B 195 5.64 22.12 6.02
N GLY B 196 5.83 20.92 5.47
CA GLY B 196 5.18 20.58 4.21
C GLY B 196 3.68 20.41 4.34
N LEU B 197 3.22 20.06 5.55
CA LEU B 197 1.79 19.89 5.79
C LEU B 197 1.07 21.24 5.90
N LEU B 198 1.80 22.33 6.07
CA LEU B 198 1.17 23.64 6.19
C LEU B 198 0.48 24.06 4.90
N GLY B 199 0.85 23.48 3.77
CA GLY B 199 0.18 23.79 2.52
C GLY B 199 0.73 25.04 1.86
N THR B 200 -0.10 25.63 1.00
CA THR B 200 0.27 26.83 0.28
C THR B 200 0.49 27.99 1.27
N PRO B 201 1.20 29.04 0.84
CA PRO B 201 1.45 30.18 1.75
C PRO B 201 0.20 30.73 2.41
N ALA B 202 -0.91 30.83 1.67
CA ALA B 202 -2.15 31.32 2.27
C ALA B 202 -2.65 30.35 3.34
N GLN B 203 -2.59 29.05 3.07
CA GLN B 203 -3.01 28.07 4.05
C GLN B 203 -2.07 28.05 5.26
N ALA B 204 -0.76 28.14 5.01
CA ALA B 204 0.20 28.13 6.10
C ALA B 204 0.03 29.31 7.03
N ARG B 205 -0.23 30.50 6.48
CA ARG B 205 -0.39 31.68 7.32
C ARG B 205 -1.65 31.61 8.17
N GLU B 206 -2.73 31.03 7.64
CA GLU B 206 -3.93 30.84 8.46
C GLU B 206 -3.67 29.89 9.63
N THR B 207 -2.95 28.80 9.36
CA THR B 207 -2.63 27.86 10.42
C THR B 207 -1.68 28.49 11.44
N LEU B 208 -0.66 29.20 10.97
CA LEU B 208 0.27 29.86 11.90
C LEU B 208 -0.43 30.91 12.74
N GLY B 209 -1.42 31.59 12.18
CA GLY B 209 -2.18 32.55 12.97
C GLY B 209 -3.02 31.88 14.04
N ALA B 210 -3.58 30.72 13.73
CA ALA B 210 -4.37 29.99 14.73
C ALA B 210 -3.49 29.47 15.86
N LEU B 211 -2.29 28.98 15.53
CA LEU B 211 -1.37 28.54 16.57
C LEU B 211 -0.96 29.70 17.46
N ALA B 212 -0.78 30.88 16.88
CA ALA B 212 -0.40 32.06 17.67
C ALA B 212 -1.48 32.45 18.67
N GLU B 213 -2.76 32.23 18.33
CA GLU B 213 -3.83 32.59 19.23
C GLU B 213 -3.82 31.76 20.51
N VAL B 214 -3.31 30.53 20.45
CA VAL B 214 -3.29 29.65 21.60
C VAL B 214 -1.88 29.47 22.15
N ALA B 215 -0.95 30.34 21.77
CA ALA B 215 0.44 30.23 22.16
C ALA B 215 0.73 31.08 23.38
N ALA B 216 1.61 30.57 24.25
CA ALA B 216 2.09 31.34 25.37
C ALA B 216 3.15 32.34 24.91
N PRO B 217 3.38 33.40 25.68
CA PRO B 217 4.44 34.35 25.31
C PRO B 217 5.79 33.64 25.18
N GLY B 218 6.48 33.91 24.08
CA GLY B 218 7.75 33.28 23.82
C GLY B 218 7.67 31.83 23.39
N ALA B 219 6.51 31.38 22.92
CA ALA B 219 6.36 30.00 22.50
C ALA B 219 7.19 29.72 21.25
N VAL B 220 7.55 28.45 21.08
CA VAL B 220 8.33 28.02 19.93
C VAL B 220 7.58 26.92 19.18
N ILE B 221 7.72 26.93 17.87
CA ILE B 221 7.24 25.86 17.00
C ILE B 221 8.45 25.05 16.55
N LEU B 222 8.42 23.75 16.83
CA LEU B 222 9.47 22.82 16.42
C LEU B 222 8.94 22.06 15.21
N GLY B 223 9.23 22.60 14.03
CA GLY B 223 8.73 22.07 12.79
C GLY B 223 9.86 21.56 11.93
N ASP B 224 9.75 20.30 11.53
CA ASP B 224 10.74 19.68 10.68
C ASP B 224 10.25 19.75 9.23
N GLY B 225 11.20 19.54 8.32
CA GLY B 225 10.88 19.65 6.90
C GLY B 225 11.94 18.97 6.08
N LEU B 226 11.78 19.08 4.76
CA LEU B 226 12.70 18.50 3.80
C LEU B 226 13.14 19.59 2.84
N ASP B 227 14.45 19.80 2.74
CA ASP B 227 15.04 20.70 1.76
C ASP B 227 15.52 19.86 0.59
N VAL B 228 14.70 19.76 -0.43
CA VAL B 228 14.99 18.95 -1.62
C VAL B 228 14.93 19.88 -2.83
N PRO B 229 15.95 19.86 -3.70
CA PRO B 229 15.85 20.65 -4.95
C PRO B 229 14.73 20.13 -5.83
N VAL B 230 14.49 20.81 -6.96
CA VAL B 230 13.44 20.40 -7.89
C VAL B 230 13.70 18.96 -8.33
N PRO B 231 12.88 18.01 -7.92
CA PRO B 231 13.12 16.62 -8.30
C PRO B 231 12.75 16.39 -9.75
N PRO B 232 13.68 15.90 -10.57
CA PRO B 232 13.37 15.70 -11.99
C PRO B 232 12.19 14.78 -12.25
N ASP B 233 11.85 13.88 -11.32
CA ASP B 233 10.72 12.97 -11.55
C ASP B 233 9.38 13.69 -11.47
N ARG B 234 9.35 14.94 -11.01
CA ARG B 234 8.11 15.72 -10.97
C ARG B 234 8.13 16.90 -11.94
N ALA B 235 9.02 16.87 -12.93
CA ALA B 235 9.07 17.96 -13.90
C ALA B 235 7.78 18.07 -14.70
N ALA B 236 7.24 16.93 -15.16
CA ALA B 236 5.99 16.96 -15.91
C ALA B 236 4.83 17.40 -15.03
N TYR B 237 4.80 16.94 -13.78
CA TYR B 237 3.75 17.37 -12.86
C TYR B 237 3.84 18.87 -12.56
N GLU B 238 5.06 19.42 -12.48
CA GLU B 238 5.19 20.85 -12.24
C GLU B 238 4.68 21.67 -13.42
N ARG B 239 4.85 21.16 -14.64
CA ARG B 239 4.23 21.83 -15.79
C ARG B 239 2.72 21.81 -15.67
N TRP B 240 2.17 20.71 -15.15
CA TRP B 240 0.73 20.65 -14.91
C TRP B 240 0.30 21.69 -13.88
N ASN B 241 1.10 21.87 -12.83
CA ASN B 241 0.82 22.93 -11.86
C ASN B 241 0.79 24.30 -12.53
N ALA B 242 1.74 24.55 -13.44
CA ALA B 242 1.79 25.86 -14.11
C ALA B 242 0.62 26.04 -15.05
N GLU B 243 0.22 24.98 -15.77
CA GLU B 243 -0.97 25.06 -16.61
C GLU B 243 -2.20 25.41 -15.78
N ARG B 244 -2.29 24.85 -14.58
CA ARG B 244 -3.46 25.04 -13.71
C ARG B 244 -3.32 26.24 -12.78
N GLY B 245 -2.18 26.93 -12.81
CA GLY B 245 -2.00 28.09 -11.95
C GLY B 245 -1.80 27.77 -10.49
N ARG B 246 -1.23 26.61 -10.16
CA ARG B 246 -0.97 26.22 -8.79
C ARG B 246 0.46 26.54 -8.40
N PRO B 247 0.72 26.69 -7.10
CA PRO B 247 2.09 27.02 -6.65
C PRO B 247 3.09 25.94 -7.02
N GLU B 248 4.30 26.37 -7.37
CA GLU B 248 5.37 25.45 -7.71
C GLU B 248 5.83 24.67 -6.48
N GLY B 249 6.14 23.40 -6.68
CA GLY B 249 6.67 22.57 -5.62
C GLY B 249 5.65 21.73 -4.86
N PHE B 250 4.36 21.94 -5.11
CA PHE B 250 3.33 21.24 -4.37
C PHE B 250 2.76 20.07 -5.18
N VAL B 251 2.25 19.08 -4.46
CA VAL B 251 1.51 17.97 -5.04
C VAL B 251 0.15 17.91 -4.36
N ARG B 252 -0.87 17.56 -5.13
CA ARG B 252 -2.24 17.38 -4.64
C ARG B 252 -2.46 15.88 -4.47
N ILE B 253 -2.60 15.44 -3.22
CA ILE B 253 -2.64 14.02 -2.90
C ILE B 253 -3.82 13.73 -1.98
N ARG B 254 -4.09 12.44 -1.80
CA ARG B 254 -5.16 11.96 -0.92
C ARG B 254 -4.87 10.51 -0.54
N LEU B 255 -5.44 10.09 0.58
CA LEU B 255 -5.27 8.72 1.03
C LEU B 255 -6.42 7.84 0.54
N ARG B 256 -6.09 6.60 0.20
CA ARG B 256 -7.06 5.60 -0.22
C ARG B 256 -6.93 4.37 0.68
N ASP B 257 -8.05 3.86 1.16
CA ASP B 257 -8.05 2.59 1.90
C ASP B 257 -9.44 1.97 1.81
N ARG B 258 -9.51 0.73 1.34
CA ARG B 258 -10.80 0.05 1.11
C ARG B 258 -11.61 0.95 0.19
N LEU B 259 -12.89 1.21 0.46
CA LEU B 259 -13.68 2.11 -0.36
C LEU B 259 -13.63 3.55 0.12
N LEU B 260 -12.86 3.84 1.18
CA LEU B 260 -12.81 5.19 1.74
C LEU B 260 -11.69 5.99 1.12
N VAL B 261 -11.91 7.31 1.03
CA VAL B 261 -10.97 8.23 0.42
C VAL B 261 -10.93 9.50 1.27
N GLY B 262 -9.73 10.01 1.51
CA GLY B 262 -9.60 11.30 2.15
C GLY B 262 -9.75 12.45 1.16
N GLU B 263 -9.96 13.64 1.70
CA GLU B 263 -10.06 14.81 0.85
C GLU B 263 -8.69 15.16 0.28
N TRP B 264 -8.70 15.85 -0.87
CA TRP B 264 -7.45 16.31 -1.45
C TRP B 264 -6.79 17.33 -0.53
N PHE B 265 -5.46 17.24 -0.43
CA PHE B 265 -4.71 18.23 0.34
C PHE B 265 -3.37 18.46 -0.35
N ASP B 266 -2.80 19.64 -0.09
CA ASP B 266 -1.56 20.05 -0.72
C ASP B 266 -0.37 19.68 0.16
N TYR B 267 0.69 19.19 -0.46
CA TYR B 267 1.85 18.66 0.23
C TYR B 267 3.10 19.10 -0.52
N ALA B 268 4.16 19.42 0.22
CA ALA B 268 5.38 19.91 -0.38
C ALA B 268 6.57 19.59 0.51
N MET B 269 7.76 19.80 -0.04
CA MET B 269 9.02 19.72 0.69
C MET B 269 9.69 21.09 0.53
N ILE B 270 9.39 22.00 1.45
CA ILE B 270 9.82 23.39 1.31
C ILE B 270 11.14 23.59 2.05
N SER B 271 11.95 24.49 1.51
CA SER B 271 13.26 24.78 2.07
C SER B 271 13.15 25.77 3.23
N PRO B 272 14.18 25.87 4.07
CA PRO B 272 14.16 26.91 5.11
C PRO B 272 14.02 28.31 4.56
N ASP B 273 14.58 28.58 3.37
CA ASP B 273 14.40 29.90 2.76
C ASP B 273 12.96 30.14 2.35
N ASP B 274 12.33 29.13 1.72
CA ASP B 274 10.90 29.24 1.43
C ASP B 274 10.09 29.39 2.71
N LEU B 275 10.49 28.69 3.77
CA LEU B 275 9.78 28.79 5.04
C LEU B 275 9.86 30.20 5.61
N GLY B 276 11.05 30.79 5.61
CA GLY B 276 11.19 32.16 6.09
C GLY B 276 10.39 33.16 5.28
N ARG B 277 10.22 32.89 3.98
CA ARG B 277 9.39 33.76 3.15
C ARG B 277 7.93 33.68 3.57
N VAL B 278 7.45 32.47 3.88
CA VAL B 278 6.06 32.31 4.31
C VAL B 278 5.84 33.02 5.64
N LEU B 279 6.86 32.99 6.51
CA LEU B 279 6.75 33.63 7.83
C LEU B 279 6.69 35.15 7.75
N ALA B 280 7.01 35.73 6.59
CA ALA B 280 6.97 37.18 6.46
C ALA B 280 5.55 37.69 6.65
N GLY B 281 5.38 38.61 7.60
CA GLY B 281 4.08 39.13 7.93
C GLY B 281 3.34 38.39 9.01
N THR B 282 3.92 37.31 9.56
CA THR B 282 3.28 36.52 10.60
C THR B 282 3.82 36.94 11.96
N ARG B 283 3.33 36.28 13.01
CA ARG B 283 3.81 36.49 14.36
C ARG B 283 4.97 35.57 14.73
N TRP B 284 5.58 34.91 13.75
CA TRP B 284 6.62 33.92 14.00
C TRP B 284 7.88 34.29 13.24
N ASP B 285 9.03 34.11 13.90
CA ASP B 285 10.34 34.34 13.29
C ASP B 285 11.11 33.03 13.23
N LEU B 286 11.81 32.81 12.11
CA LEU B 286 12.69 31.67 11.97
C LEU B 286 13.95 31.93 12.80
N ALA B 287 14.05 31.26 13.94
CA ALA B 287 15.14 31.52 14.87
C ALA B 287 16.36 30.65 14.60
N SER B 288 16.18 29.42 14.15
CA SER B 288 17.31 28.53 13.90
C SER B 288 16.88 27.41 12.98
N VAL B 289 17.86 26.82 12.30
CA VAL B 289 17.66 25.67 11.43
C VAL B 289 18.77 24.67 11.72
N GLU B 290 18.39 23.43 11.99
CA GLU B 290 19.33 22.34 12.24
C GLU B 290 19.08 21.25 11.21
N ARG B 291 20.11 20.88 10.46
CA ARG B 291 19.97 19.99 9.33
C ARG B 291 20.47 18.58 9.66
N ALA B 292 19.89 17.60 8.95
CA ALA B 292 20.30 16.20 9.02
C ALA B 292 20.17 15.64 7.60
N GLY B 293 21.05 16.09 6.71
CA GLY B 293 20.93 15.73 5.31
C GLY B 293 19.84 16.54 4.65
N VAL B 294 18.92 15.86 3.97
CA VAL B 294 17.81 16.55 3.32
C VAL B 294 16.79 17.04 4.35
N ARG B 295 16.78 16.48 5.55
CA ARG B 295 15.84 16.88 6.59
C ARG B 295 16.42 18.03 7.41
N TYR B 296 15.52 18.87 7.92
CA TYR B 296 15.92 19.97 8.79
C TYR B 296 14.86 20.15 9.86
N LEU B 297 15.28 20.76 10.97
CA LEU B 297 14.40 21.11 12.08
C LEU B 297 14.48 22.61 12.28
N ALA B 298 13.36 23.30 12.04
CA ALA B 298 13.29 24.74 12.19
C ALA B 298 12.63 25.10 13.52
N THR B 299 13.20 26.09 14.20
CA THR B 299 12.65 26.61 15.45
C THR B 299 12.04 27.98 15.15
N LEU B 300 10.73 28.09 15.29
CA LEU B 300 10.01 29.34 15.07
C LEU B 300 9.61 29.92 16.42
N ARG B 301 9.99 31.16 16.66
CA ARG B 301 9.70 31.83 17.93
C ARG B 301 8.59 32.86 17.73
N LEU B 302 7.70 32.93 18.71
CA LEU B 302 6.57 33.87 18.66
C LEU B 302 7.04 35.28 18.97
N ARG B 303 6.74 36.20 18.06
CA ARG B 303 7.06 37.61 18.27
C ARG B 303 6.24 38.16 19.43
N ASP B 304 6.90 38.87 20.34
CA ASP B 304 6.21 39.48 21.48
C ASP B 304 5.22 40.53 21.02
#